data_6R9Q
#
_entry.id   6R9Q
#
_cell.length_a   92.189
_cell.length_b   117.324
_cell.length_c   256.658
_cell.angle_alpha   90.000
_cell.angle_beta   90.000
_cell.angle_gamma   90.000
#
_symmetry.space_group_name_H-M   'I 2 2 2'
#
loop_
_entity.id
_entity.type
_entity.pdbx_description
1 polymer 'PAN2-PAN3 deadenylation complex catalytic subunit PAN2'
2 polymer AACCAA
#
loop_
_entity_poly.entity_id
_entity_poly.type
_entity_poly.pdbx_seq_one_letter_code
_entity_poly.pdbx_strand_id
1 'polypeptide(L)'
;MHHHHHHHHLEVLFQGPTSDIQTYTSINKYEVPPAYSRLPLTSGRFGTDNFDFTPFNNTEYSGLDPDVDNHYTNAIIQLY
RFIPEMFNFVVGCLKDENFETTLLTDLGYLFDMMERSHGKICSSSNFQASLKSLTDKRQLENGEPQEHLEEYLESLCIRE
SIEDFNSSESIKRNMPQKFNRFLLSQLIKEEAQTVNHNITLNQCFGLETEIRTECSCDHYDTTVKLLPSLSISGINKTVI
KQLNKKSNGQNILPYIEYAMKNVTQKNSICPTCGKTETITQECTVKNLPSVLSLELSLLDTEFSNIRSSKNWLTSEFYGS
IIKNKAVLRSTASELKGTSHIFKYELNGYVAKITDNNNETRLVTYVKKYNPKENCFKWLMFNDYLVVEITEEEALKMTYP
WKTPEIIIYCDAEELRKPFFSVDTYSINYDILFRDYFANGIRDTARREYKLLTHDEAPKSGTLVAIDAAFVSLQSELCEI
DHQGIRSIIRPKRTALARISIIRGEEGELYGVPFVDDYVVNTNHIEDYLTRYSGILPGDLDPEKSTKRLVRRNVVYRKVW
LLMQLGCVFVGHGLNNDFKHININVPRNQIRDTAIYFLQGKRYLSLRYLAYVLLGMNIQEGNHDSIEDAHTALILYKKYL
HLKEKAIFEKVLNSVYEEGRAHNFKVPETSKG
;
A
2 'polyribonucleotide' AACCAA B
#
# COMPACT_ATOMS: atom_id res chain seq x y z
N THR A 18 23.34 -6.72 -11.77
CA THR A 18 22.55 -5.49 -11.77
C THR A 18 23.44 -4.27 -11.47
N SER A 19 24.70 -4.35 -11.88
CA SER A 19 25.61 -3.23 -11.70
C SER A 19 25.18 -2.05 -12.57
N ASP A 20 25.32 -0.85 -12.02
CA ASP A 20 24.94 0.39 -12.70
C ASP A 20 23.46 0.37 -13.07
N ILE A 21 22.60 0.15 -12.07
CA ILE A 21 21.17 0.15 -12.27
C ILE A 21 20.46 1.26 -11.50
N GLN A 22 21.07 1.81 -10.44
CA GLN A 22 20.47 2.88 -9.67
C GLN A 22 20.87 4.26 -10.16
N THR A 23 21.53 4.34 -11.32
CA THR A 23 21.88 5.64 -11.89
C THR A 23 20.62 6.29 -12.45
N TYR A 24 20.22 7.41 -11.85
CA TYR A 24 19.02 8.13 -12.26
C TYR A 24 19.33 9.22 -13.29
N THR A 25 20.58 9.40 -13.68
CA THR A 25 20.97 10.42 -14.63
C THR A 25 21.67 9.78 -15.82
N SER A 26 21.37 10.30 -17.00
CA SER A 26 22.02 9.90 -18.24
C SER A 26 22.62 11.13 -18.91
N ILE A 27 23.87 10.99 -19.39
CA ILE A 27 24.53 12.10 -20.05
C ILE A 27 23.77 12.55 -21.29
N ASN A 28 22.98 11.67 -21.88
CA ASN A 28 22.14 12.00 -23.03
C ASN A 28 20.74 12.35 -22.56
N LYS A 29 20.11 13.30 -23.24
CA LYS A 29 18.77 13.75 -22.89
C LYS A 29 17.67 12.82 -23.39
N TYR A 30 18.02 11.76 -24.11
CA TYR A 30 17.05 10.83 -24.67
C TYR A 30 17.10 9.44 -24.08
N GLU A 31 18.30 8.93 -23.80
CA GLU A 31 18.45 7.60 -23.24
C GLU A 31 17.91 7.57 -21.82
N VAL A 32 16.89 6.74 -21.59
CA VAL A 32 16.30 6.65 -20.24
C VAL A 32 17.27 5.89 -19.33
N PRO A 33 17.61 6.43 -18.17
CA PRO A 33 18.56 5.75 -17.28
C PRO A 33 17.96 4.47 -16.72
N PRO A 34 18.79 3.55 -16.24
CA PRO A 34 18.26 2.26 -15.76
C PRO A 34 17.35 2.38 -14.55
N ALA A 35 17.40 3.48 -13.82
CA ALA A 35 16.54 3.65 -12.65
C ALA A 35 15.07 3.76 -12.99
N TYR A 36 14.72 3.95 -14.27
CA TYR A 36 13.33 4.02 -14.69
C TYR A 36 12.94 2.90 -15.65
N SER A 37 13.82 1.92 -15.86
CA SER A 37 13.53 0.83 -16.77
C SER A 37 12.65 -0.22 -16.09
N ARG A 38 12.12 -1.12 -16.92
CA ARG A 38 11.28 -2.20 -16.41
C ARG A 38 12.12 -3.13 -15.54
N LEU A 39 11.84 -3.14 -14.24
CA LEU A 39 12.63 -3.94 -13.31
C LEU A 39 12.32 -5.43 -13.50
N PRO A 40 13.30 -6.30 -13.24
CA PRO A 40 13.05 -7.74 -13.37
C PRO A 40 11.94 -8.21 -12.45
N LEU A 41 11.20 -9.19 -12.92
CA LEU A 41 10.06 -9.71 -12.16
C LEU A 41 10.54 -10.41 -10.89
N THR A 42 9.79 -10.22 -9.81
CA THR A 42 10.13 -10.83 -8.53
C THR A 42 9.73 -12.30 -8.50
N ASP A 49 14.06 -18.42 -6.22
CA ASP A 49 12.89 -18.45 -5.37
C ASP A 49 12.87 -17.25 -4.42
N ASN A 50 14.02 -16.92 -3.87
CA ASN A 50 14.16 -15.80 -2.94
C ASN A 50 14.84 -14.64 -3.67
N PHE A 51 14.06 -13.65 -4.07
CA PHE A 51 14.59 -12.49 -4.78
C PHE A 51 15.33 -11.58 -3.80
N ASP A 52 16.51 -11.12 -4.20
CA ASP A 52 17.32 -10.24 -3.36
C ASP A 52 17.05 -8.79 -3.73
N PHE A 53 16.68 -7.98 -2.74
CA PHE A 53 16.37 -6.57 -2.93
C PHE A 53 17.47 -5.64 -2.44
N THR A 54 18.58 -6.18 -1.94
CA THR A 54 19.64 -5.33 -1.41
C THR A 54 20.35 -4.48 -2.46
N PRO A 55 20.44 -4.86 -3.74
CA PRO A 55 21.04 -3.94 -4.73
C PRO A 55 20.07 -2.95 -5.36
N PHE A 56 18.87 -2.80 -4.81
CA PHE A 56 17.86 -1.91 -5.39
C PHE A 56 17.39 -0.81 -4.45
N ASN A 57 17.79 -0.83 -3.18
CA ASN A 57 17.30 0.16 -2.22
C ASN A 57 18.33 0.30 -1.11
N ASN A 58 18.96 1.47 -1.03
CA ASN A 58 19.92 1.76 0.03
C ASN A 58 19.34 2.66 1.12
N THR A 59 18.23 3.33 0.86
CA THR A 59 17.64 4.25 1.81
C THR A 59 16.81 3.50 2.85
N GLU A 60 16.42 4.21 3.90
CA GLU A 60 15.60 3.65 4.97
C GLU A 60 14.11 3.78 4.70
N TYR A 61 13.72 3.88 3.43
CA TYR A 61 12.31 3.97 3.04
C TYR A 61 12.01 2.86 2.05
N SER A 62 10.95 2.11 2.32
CA SER A 62 10.69 0.85 1.64
C SER A 62 10.12 1.08 0.23
N GLY A 63 10.15 0.00 -0.56
CA GLY A 63 9.53 -0.04 -1.86
C GLY A 63 8.42 -1.07 -1.91
N LEU A 64 7.74 -1.13 -3.05
CA LEU A 64 6.56 -1.94 -3.22
C LEU A 64 6.82 -3.10 -4.18
N ASP A 65 6.15 -4.21 -3.91
CA ASP A 65 6.27 -5.40 -4.76
C ASP A 65 5.58 -5.14 -6.09
N PRO A 66 6.29 -5.25 -7.22
CA PRO A 66 5.65 -4.99 -8.52
C PRO A 66 4.66 -6.06 -8.94
N ASP A 67 4.61 -7.19 -8.24
CA ASP A 67 3.68 -8.27 -8.57
C ASP A 67 2.29 -7.87 -8.10
N VAL A 68 1.64 -7.02 -8.90
CA VAL A 68 0.31 -6.50 -8.59
C VAL A 68 -0.52 -6.49 -9.87
N ASP A 69 -1.84 -6.47 -9.69
CA ASP A 69 -2.76 -6.41 -10.83
C ASP A 69 -2.89 -5.01 -11.41
N ASN A 70 -2.59 -3.98 -10.62
CA ASN A 70 -2.72 -2.60 -11.07
C ASN A 70 -1.34 -2.08 -11.47
N HIS A 71 -1.22 -1.65 -12.74
CA HIS A 71 0.02 -1.10 -13.25
C HIS A 71 0.31 0.31 -12.77
N TYR A 72 -0.59 0.93 -11.98
CA TYR A 72 -0.48 2.34 -11.70
C TYR A 72 -0.77 2.75 -10.25
N THR A 73 -1.14 1.81 -9.37
CA THR A 73 -1.48 2.18 -8.00
C THR A 73 -0.27 2.27 -7.08
N ASN A 74 0.82 1.58 -7.41
CA ASN A 74 1.99 1.59 -6.54
C ASN A 74 2.60 2.98 -6.43
N ALA A 75 2.63 3.71 -7.55
CA ALA A 75 3.23 5.04 -7.53
C ALA A 75 2.41 6.03 -6.71
N ILE A 76 1.09 5.87 -6.70
CA ILE A 76 0.23 6.80 -5.99
C ILE A 76 0.29 6.56 -4.49
N ILE A 77 0.40 5.30 -4.07
CA ILE A 77 0.52 4.99 -2.65
C ILE A 77 1.78 5.63 -2.07
N GLN A 78 2.90 5.56 -2.79
CA GLN A 78 4.11 6.22 -2.33
C GLN A 78 3.97 7.73 -2.31
N LEU A 79 3.15 8.28 -3.19
CA LEU A 79 2.94 9.73 -3.23
C LEU A 79 2.22 10.22 -1.98
N TYR A 80 1.30 9.41 -1.45
CA TYR A 80 0.53 9.79 -0.28
C TYR A 80 1.19 9.40 1.03
N ARG A 81 2.18 8.51 0.99
CA ARG A 81 2.82 8.08 2.23
C ARG A 81 3.62 9.21 2.88
N PHE A 82 4.18 10.11 2.08
CA PHE A 82 5.06 11.15 2.59
C PHE A 82 4.38 12.50 2.75
N ILE A 83 3.05 12.53 2.71
CA ILE A 83 2.27 13.71 3.09
C ILE A 83 2.00 13.60 4.59
N PRO A 84 2.63 14.42 5.43
CA PRO A 84 2.52 14.18 6.89
C PRO A 84 1.11 14.28 7.43
N GLU A 85 0.30 15.20 6.90
CA GLU A 85 -1.05 15.37 7.44
C GLU A 85 -1.95 14.19 7.13
N MET A 86 -1.77 13.55 5.98
CA MET A 86 -2.56 12.36 5.66
C MET A 86 -1.99 11.12 6.34
N PHE A 87 -0.65 10.95 6.25
CA PHE A 87 -0.04 9.75 6.82
C PHE A 87 -0.31 9.63 8.31
N ASN A 88 -0.22 10.74 9.05
CA ASN A 88 -0.47 10.70 10.48
C ASN A 88 -1.93 10.39 10.81
N PHE A 89 -2.84 10.61 9.86
CA PHE A 89 -4.27 10.39 10.11
C PHE A 89 -4.67 8.94 9.83
N VAL A 90 -4.41 8.46 8.61
CA VAL A 90 -4.82 7.11 8.25
C VAL A 90 -4.09 6.08 9.08
N VAL A 91 -2.83 6.35 9.42
CA VAL A 91 -2.13 5.51 10.39
C VAL A 91 -2.75 5.70 11.77
N GLY A 92 -3.12 6.93 12.12
CA GLY A 92 -3.78 7.17 13.39
C GLY A 92 -5.13 6.48 13.50
N CYS A 93 -5.79 6.25 12.35
CA CYS A 93 -7.06 5.55 12.37
C CYS A 93 -6.93 4.10 12.82
N LEU A 94 -5.72 3.59 13.01
CA LEU A 94 -5.50 2.23 13.47
C LEU A 94 -5.68 2.08 14.98
N LYS A 95 -5.97 3.17 15.70
CA LYS A 95 -6.31 3.04 17.12
C LYS A 95 -7.59 2.23 17.29
N ASP A 96 -8.65 2.61 16.58
CA ASP A 96 -9.95 1.98 16.69
C ASP A 96 -10.10 0.86 15.67
N GLU A 97 -11.08 -0.01 15.90
CA GLU A 97 -11.36 -1.14 15.03
C GLU A 97 -12.34 -0.70 13.96
N ASN A 98 -11.80 -0.15 12.87
CA ASN A 98 -12.62 0.32 11.75
C ASN A 98 -12.68 -0.78 10.68
N PHE A 99 -13.42 -1.83 11.01
CA PHE A 99 -13.50 -2.99 10.13
C PHE A 99 -14.32 -2.71 8.88
N GLU A 100 -15.24 -1.75 8.93
CA GLU A 100 -16.10 -1.47 7.79
C GLU A 100 -15.40 -0.62 6.74
N THR A 101 -14.52 0.28 7.16
CA THR A 101 -13.74 1.12 6.22
C THR A 101 -12.57 0.29 5.70
N THR A 102 -12.86 -0.52 4.67
CA THR A 102 -11.86 -1.44 4.15
C THR A 102 -10.70 -0.70 3.50
N LEU A 103 -11.01 0.19 2.55
CA LEU A 103 -9.95 0.89 1.84
C LEU A 103 -9.17 1.83 2.75
N LEU A 104 -9.79 2.32 3.83
CA LEU A 104 -9.11 3.25 4.72
C LEU A 104 -8.13 2.52 5.64
N THR A 105 -8.60 1.45 6.30
CA THR A 105 -7.73 0.75 7.26
C THR A 105 -6.67 -0.09 6.56
N ASP A 106 -7.00 -0.67 5.40
CA ASP A 106 -5.98 -1.40 4.65
C ASP A 106 -4.88 -0.48 4.15
N LEU A 107 -5.22 0.78 3.86
CA LEU A 107 -4.19 1.77 3.57
C LEU A 107 -3.38 2.09 4.81
N GLY A 108 -4.04 2.11 5.98
CA GLY A 108 -3.31 2.33 7.22
C GLY A 108 -2.43 1.15 7.59
N TYR A 109 -2.92 -0.07 7.35
CA TYR A 109 -2.09 -1.25 7.55
C TYR A 109 -0.87 -1.24 6.64
N LEU A 110 -1.02 -0.72 5.42
CA LEU A 110 0.10 -0.64 4.49
C LEU A 110 1.07 0.47 4.88
N PHE A 111 0.55 1.65 5.25
CA PHE A 111 1.41 2.76 5.62
C PHE A 111 2.21 2.44 6.88
N ASP A 112 1.57 1.83 7.87
CA ASP A 112 2.29 1.45 9.09
C ASP A 112 3.37 0.42 8.78
N MET A 113 3.05 -0.55 7.92
CA MET A 113 4.04 -1.57 7.56
C MET A 113 5.21 -0.96 6.79
N MET A 114 4.93 -0.01 5.90
CA MET A 114 6.00 0.63 5.14
C MET A 114 6.92 1.44 6.05
N GLU A 115 6.34 2.14 7.03
CA GLU A 115 7.15 2.98 7.90
C GLU A 115 8.07 2.15 8.79
N ARG A 116 7.56 1.03 9.31
CA ARG A 116 8.34 0.23 10.25
C ARG A 116 9.28 -0.75 9.57
N SER A 117 9.19 -0.93 8.24
CA SER A 117 10.11 -1.82 7.56
C SER A 117 11.48 -1.18 7.34
N HIS A 118 11.51 0.14 7.15
CA HIS A 118 12.77 0.89 7.00
C HIS A 118 13.62 0.35 5.86
N GLY A 119 12.98 0.06 4.72
CA GLY A 119 13.66 -0.38 3.51
C GLY A 119 13.24 -1.75 3.04
N LYS A 120 12.81 -2.62 3.96
CA LYS A 120 12.42 -3.98 3.59
C LYS A 120 11.26 -3.95 2.60
N ILE A 121 11.27 -4.91 1.66
CA ILE A 121 10.24 -4.92 0.62
C ILE A 121 8.86 -5.05 1.24
N CYS A 122 7.88 -4.46 0.56
CA CYS A 122 6.49 -4.46 1.03
C CYS A 122 5.57 -4.79 -0.14
N SER A 123 4.43 -5.40 0.19
CA SER A 123 3.44 -5.78 -0.80
C SER A 123 2.12 -5.10 -0.46
N SER A 124 1.41 -4.64 -1.49
CA SER A 124 0.10 -4.01 -1.32
C SER A 124 -1.03 -4.92 -1.82
N SER A 125 -0.82 -6.24 -1.76
CA SER A 125 -1.85 -7.17 -2.23
C SER A 125 -3.12 -7.06 -1.40
N ASN A 126 -2.99 -6.81 -0.09
CA ASN A 126 -4.16 -6.63 0.75
C ASN A 126 -4.95 -5.41 0.35
N PHE A 127 -4.27 -4.28 0.12
CA PHE A 127 -4.95 -3.09 -0.37
C PHE A 127 -5.51 -3.29 -1.76
N GLN A 128 -4.79 -4.02 -2.62
CA GLN A 128 -5.29 -4.31 -3.95
C GLN A 128 -6.51 -5.22 -3.91
N ALA A 129 -6.57 -6.13 -2.93
CA ALA A 129 -7.73 -7.00 -2.82
C ALA A 129 -8.96 -6.23 -2.34
N SER A 130 -8.76 -5.29 -1.41
CA SER A 130 -9.88 -4.47 -0.95
C SER A 130 -10.37 -3.53 -2.03
N LEU A 131 -9.50 -3.14 -2.96
CA LEU A 131 -9.91 -2.26 -4.05
C LEU A 131 -10.68 -3.03 -5.12
N LYS A 132 -10.27 -4.27 -5.40
CA LYS A 132 -10.97 -5.06 -6.40
C LYS A 132 -12.34 -5.53 -5.90
N SER A 133 -12.46 -5.81 -4.60
CA SER A 133 -13.75 -6.20 -4.05
C SER A 133 -14.68 -5.00 -3.90
N LEU A 134 -14.13 -3.82 -3.67
CA LEU A 134 -14.94 -2.60 -3.56
C LEU A 134 -15.43 -2.14 -4.93
N THR A 135 -14.59 -2.26 -5.96
CA THR A 135 -14.97 -1.84 -7.30
C THR A 135 -16.00 -2.77 -7.93
N ASP A 136 -16.25 -3.95 -7.36
CA ASP A 136 -17.27 -4.86 -7.86
C ASP A 136 -18.63 -4.49 -7.26
N LYS A 137 -19.15 -3.36 -7.74
CA LYS A 137 -20.43 -2.81 -7.29
C LYS A 137 -21.41 -2.91 -8.44
N ARG A 138 -22.12 -4.04 -8.51
CA ARG A 138 -23.11 -4.27 -9.55
C ARG A 138 -24.36 -4.93 -8.99
N GLY A 143 -25.63 6.90 -6.29
CA GLY A 143 -24.77 7.81 -7.04
C GLY A 143 -24.82 7.59 -8.54
N GLU A 144 -24.82 8.68 -9.29
CA GLU A 144 -24.87 8.61 -10.75
C GLU A 144 -23.52 8.18 -11.34
N PRO A 145 -22.39 8.81 -10.96
CA PRO A 145 -21.11 8.38 -11.54
C PRO A 145 -20.64 7.03 -11.03
N GLN A 146 -21.35 5.96 -11.39
CA GLN A 146 -20.88 4.62 -11.07
C GLN A 146 -19.88 4.08 -12.08
N GLU A 147 -19.75 4.73 -13.24
CA GLU A 147 -18.72 4.35 -14.20
C GLU A 147 -17.32 4.61 -13.66
N HIS A 148 -17.19 5.45 -12.62
CA HIS A 148 -15.92 5.61 -11.96
C HIS A 148 -15.42 4.29 -11.39
N LEU A 149 -16.34 3.48 -10.86
CA LEU A 149 -15.99 2.14 -10.40
C LEU A 149 -15.59 1.23 -11.57
N GLU A 150 -16.33 1.33 -12.69
CA GLU A 150 -16.05 0.46 -13.82
C GLU A 150 -14.77 0.84 -14.54
N GLU A 151 -14.42 2.13 -14.55
CA GLU A 151 -13.19 2.55 -15.21
C GLU A 151 -11.96 2.05 -14.48
N TYR A 152 -12.04 1.93 -13.15
CA TYR A 152 -10.91 1.39 -12.38
C TYR A 152 -10.88 -0.13 -12.46
N LEU A 153 -12.05 -0.78 -12.47
CA LEU A 153 -12.10 -2.23 -12.58
C LEU A 153 -11.60 -2.71 -13.94
N GLU A 154 -11.76 -1.89 -14.98
CA GLU A 154 -11.33 -2.25 -16.32
C GLU A 154 -9.81 -2.23 -16.49
N SER A 155 -9.06 -1.81 -15.48
CA SER A 155 -7.60 -1.72 -15.58
C SER A 155 -6.90 -2.75 -14.70
N LEU A 156 -7.57 -3.86 -14.37
CA LEU A 156 -6.99 -4.90 -13.53
C LEU A 156 -6.55 -6.12 -14.32
N CYS A 157 -7.30 -6.51 -15.36
CA CYS A 157 -7.00 -7.70 -16.13
C CYS A 157 -5.84 -7.50 -17.11
N ILE A 158 -5.29 -6.28 -17.20
CA ILE A 158 -4.17 -5.98 -18.08
C ILE A 158 -4.49 -6.35 -19.53
N SER A 168 -1.78 -5.65 -25.40
CA SER A 168 -2.37 -4.48 -24.76
C SER A 168 -1.29 -3.65 -24.07
N GLU A 169 -1.52 -2.34 -23.98
CA GLU A 169 -0.57 -1.46 -23.33
C GLU A 169 -0.58 -1.67 -21.83
N SER A 170 0.45 -1.14 -21.16
CA SER A 170 0.56 -1.28 -19.71
C SER A 170 -0.46 -0.41 -19.01
N ILE A 171 -0.40 0.91 -19.24
CA ILE A 171 -1.34 1.85 -18.65
C ILE A 171 -1.80 2.82 -19.73
N LYS A 172 -3.08 3.17 -19.70
CA LYS A 172 -3.66 4.09 -20.66
C LYS A 172 -3.52 5.53 -20.17
N ARG A 173 -4.06 6.46 -20.95
CA ARG A 173 -4.00 7.88 -20.62
C ARG A 173 -5.14 8.26 -19.68
N ASN A 174 -4.88 9.27 -18.85
CA ASN A 174 -5.86 9.83 -17.92
C ASN A 174 -6.31 8.83 -16.86
N MET A 175 -5.72 7.64 -16.86
CA MET A 175 -6.10 6.61 -15.90
C MET A 175 -5.48 6.82 -14.53
N PRO A 176 -4.20 7.21 -14.41
CA PRO A 176 -3.67 7.53 -13.07
C PRO A 176 -4.43 8.67 -12.40
N GLN A 177 -4.77 9.71 -13.14
CA GLN A 177 -5.53 10.82 -12.55
C GLN A 177 -6.93 10.38 -12.15
N LYS A 178 -7.53 9.45 -12.89
CA LYS A 178 -8.86 8.96 -12.54
C LYS A 178 -8.83 8.23 -11.19
N PHE A 179 -7.79 7.43 -10.95
CA PHE A 179 -7.70 6.75 -9.65
C PHE A 179 -7.33 7.71 -8.53
N ASN A 180 -6.53 8.73 -8.84
CA ASN A 180 -6.20 9.74 -7.84
C ASN A 180 -7.46 10.41 -7.30
N ARG A 181 -8.37 10.80 -8.19
CA ARG A 181 -9.64 11.34 -7.75
C ARG A 181 -10.51 10.26 -7.11
N PHE A 182 -10.40 9.03 -7.59
CA PHE A 182 -11.22 7.95 -7.04
C PHE A 182 -10.76 7.54 -5.65
N LEU A 183 -9.44 7.44 -5.45
CA LEU A 183 -8.92 7.04 -4.15
C LEU A 183 -9.23 8.08 -3.09
N LEU A 184 -9.05 9.36 -3.41
CA LEU A 184 -9.34 10.42 -2.44
C LEU A 184 -10.83 10.50 -2.15
N SER A 185 -11.67 10.29 -3.17
CA SER A 185 -13.12 10.34 -2.96
C SER A 185 -13.59 9.20 -2.07
N GLN A 186 -13.07 7.99 -2.29
CA GLN A 186 -13.50 6.84 -1.50
C GLN A 186 -12.95 6.89 -0.09
N LEU A 187 -11.78 7.52 0.10
CA LEU A 187 -11.23 7.66 1.44
C LEU A 187 -12.06 8.62 2.29
N ILE A 188 -12.46 9.75 1.72
CA ILE A 188 -13.28 10.70 2.44
C ILE A 188 -14.65 10.10 2.75
N LYS A 189 -15.21 9.33 1.81
CA LYS A 189 -16.50 8.67 2.06
C LYS A 189 -16.39 7.68 3.21
N GLU A 190 -15.25 7.00 3.33
CA GLU A 190 -15.02 6.11 4.45
C GLU A 190 -14.59 6.84 5.71
N GLU A 191 -14.03 8.05 5.57
CA GLU A 191 -13.62 8.81 6.73
C GLU A 191 -14.82 9.24 7.57
N ALA A 192 -15.96 9.51 6.93
CA ALA A 192 -17.18 9.88 7.64
C ALA A 192 -17.89 8.69 8.26
N GLN A 193 -17.39 7.47 8.05
CA GLN A 193 -18.01 6.26 8.60
C GLN A 193 -17.15 5.61 9.69
N THR A 194 -16.05 6.23 10.07
CA THR A 194 -15.18 5.67 11.08
C THR A 194 -15.73 5.94 12.49
N VAL A 195 -15.13 5.29 13.48
CA VAL A 195 -15.45 5.59 14.87
C VAL A 195 -15.10 7.03 15.15
N ASN A 196 -15.94 7.70 15.95
CA ASN A 196 -15.84 9.14 16.22
C ASN A 196 -15.57 9.90 14.93
N HIS A 197 -16.55 9.87 14.02
CA HIS A 197 -16.43 10.33 12.64
C HIS A 197 -15.57 11.58 12.51
N ASN A 198 -14.61 11.53 11.60
CA ASN A 198 -13.67 12.62 11.38
C ASN A 198 -13.89 13.25 10.01
N ILE A 199 -13.40 14.48 9.87
CA ILE A 199 -13.45 15.20 8.60
C ILE A 199 -12.07 15.72 8.25
N THR A 200 -11.04 15.10 8.84
CA THR A 200 -9.67 15.61 8.69
C THR A 200 -9.22 15.62 7.24
N LEU A 201 -9.64 14.62 6.46
CA LEU A 201 -9.24 14.57 5.06
C LEU A 201 -9.95 15.65 4.24
N ASN A 202 -11.13 16.09 4.66
CA ASN A 202 -11.82 17.17 3.96
C ASN A 202 -11.15 18.51 4.23
N GLN A 203 -10.64 18.71 5.44
CA GLN A 203 -9.94 19.95 5.74
C GLN A 203 -8.60 20.06 5.00
N CYS A 204 -8.07 18.95 4.50
CA CYS A 204 -6.81 18.96 3.78
C CYS A 204 -7.00 19.08 2.28
N PHE A 205 -7.95 18.34 1.71
CA PHE A 205 -8.16 18.32 0.26
C PHE A 205 -9.38 19.12 -0.18
N GLY A 206 -10.16 19.65 0.75
CA GLY A 206 -11.41 20.30 0.42
C GLY A 206 -11.27 21.51 -0.48
N LEU A 207 -11.86 21.42 -1.68
CA LEU A 207 -11.89 22.52 -2.64
C LEU A 207 -13.35 22.93 -2.83
N GLU A 208 -13.76 24.01 -2.15
CA GLU A 208 -15.13 24.49 -2.26
C GLU A 208 -15.33 25.08 -3.64
N THR A 209 -15.93 24.29 -4.54
CA THR A 209 -16.06 24.66 -5.95
C THR A 209 -17.46 25.22 -6.19
N GLU A 210 -17.51 26.44 -6.71
CA GLU A 210 -18.77 27.08 -7.11
C GLU A 210 -18.94 26.86 -8.62
N ILE A 211 -19.97 26.11 -8.99
CA ILE A 211 -20.21 25.79 -10.40
C ILE A 211 -21.42 26.58 -10.88
N ARG A 212 -21.17 27.75 -11.48
CA ARG A 212 -22.24 28.59 -11.99
C ARG A 212 -22.45 28.30 -13.47
N THR A 213 -23.63 27.80 -13.81
CA THR A 213 -24.03 27.55 -15.20
C THR A 213 -25.15 28.52 -15.55
N GLU A 214 -24.86 29.46 -16.47
CA GLU A 214 -25.80 30.50 -16.84
C GLU A 214 -26.70 29.98 -17.96
N CYS A 215 -27.97 29.77 -17.63
CA CYS A 215 -28.93 29.31 -18.63
C CYS A 215 -29.42 30.46 -19.51
N SER A 216 -29.98 31.49 -18.88
CA SER A 216 -30.47 32.65 -19.62
C SER A 216 -29.87 33.94 -19.09
N CYS A 217 -30.37 35.08 -19.57
CA CYS A 217 -29.85 36.37 -19.14
C CYS A 217 -30.42 36.74 -17.78
N ASP A 218 -29.54 37.26 -16.91
CA ASP A 218 -29.91 37.68 -15.56
C ASP A 218 -30.54 36.54 -14.76
N HIS A 219 -30.13 35.30 -15.05
CA HIS A 219 -30.68 34.13 -14.37
C HIS A 219 -29.68 32.99 -14.53
N TYR A 220 -29.10 32.53 -13.42
CA TYR A 220 -28.10 31.48 -13.47
C TYR A 220 -28.30 30.56 -12.28
N ASP A 221 -27.73 29.36 -12.41
CA ASP A 221 -27.77 28.34 -11.36
C ASP A 221 -26.35 28.01 -10.92
N THR A 222 -26.16 27.93 -9.60
CA THR A 222 -24.86 27.62 -9.03
C THR A 222 -24.93 26.31 -8.25
N THR A 223 -23.85 25.53 -8.32
CA THR A 223 -23.70 24.31 -7.57
C THR A 223 -22.43 24.40 -6.73
N VAL A 224 -22.50 23.91 -5.49
CA VAL A 224 -21.36 23.95 -4.57
C VAL A 224 -21.10 22.53 -4.08
N LYS A 225 -20.02 21.93 -4.57
CA LYS A 225 -19.60 20.60 -4.12
C LYS A 225 -18.13 20.64 -3.73
N LEU A 226 -17.77 19.88 -2.71
CA LEU A 226 -16.41 19.85 -2.19
C LEU A 226 -15.61 18.81 -2.96
N LEU A 227 -14.56 19.25 -3.66
CA LEU A 227 -13.78 18.33 -4.47
C LEU A 227 -12.45 18.02 -3.79
N PRO A 228 -12.02 16.75 -3.82
CA PRO A 228 -10.76 16.38 -3.17
C PRO A 228 -9.53 16.75 -4.00
N SER A 229 -9.67 16.73 -5.32
CA SER A 229 -8.56 17.02 -6.22
C SER A 229 -8.99 18.03 -7.26
N LEU A 230 -8.00 18.69 -7.86
CA LEU A 230 -8.22 19.68 -8.91
C LEU A 230 -7.79 19.08 -10.24
N SER A 231 -8.69 19.12 -11.22
CA SER A 231 -8.45 18.49 -12.52
C SER A 231 -8.10 19.57 -13.55
N ILE A 232 -6.85 19.56 -14.01
CA ILE A 232 -6.40 20.45 -15.08
C ILE A 232 -6.50 19.65 -16.37
N SER A 233 -7.67 19.73 -17.00
CA SER A 233 -7.95 18.94 -18.20
C SER A 233 -8.70 19.79 -19.22
N GLY A 234 -8.50 19.48 -20.50
CA GLY A 234 -9.18 20.15 -21.58
C GLY A 234 -8.93 21.64 -21.64
N ILE A 235 -7.66 22.02 -21.76
CA ILE A 235 -7.29 23.43 -21.82
C ILE A 235 -7.48 23.93 -23.25
N ASN A 236 -8.11 25.09 -23.38
CA ASN A 236 -8.37 25.71 -24.67
C ASN A 236 -7.59 27.00 -24.87
N LYS A 237 -7.72 27.95 -23.94
CA LYS A 237 -7.04 29.23 -24.05
C LYS A 237 -5.63 29.07 -23.48
N THR A 238 -4.68 28.77 -24.35
CA THR A 238 -3.29 28.63 -23.94
C THR A 238 -2.57 29.98 -24.01
N VAL A 239 -3.12 30.94 -23.28
CA VAL A 239 -2.54 32.27 -23.17
C VAL A 239 -1.60 32.36 -21.97
N ILE A 240 -1.19 31.21 -21.42
CA ILE A 240 -0.40 31.21 -20.19
C ILE A 240 1.08 31.43 -20.48
N LYS A 241 1.59 30.82 -21.54
CA LYS A 241 3.02 30.82 -21.83
C LYS A 241 3.44 32.07 -22.61
N GLN A 242 3.03 33.24 -22.16
CA GLN A 242 3.54 34.49 -22.70
C GLN A 242 4.33 35.29 -21.66
N LEU A 243 3.71 35.63 -20.52
CA LEU A 243 4.38 36.38 -19.47
C LEU A 243 3.91 36.03 -18.07
N ASN A 244 3.00 35.06 -17.92
CA ASN A 244 2.45 34.73 -16.62
C ASN A 244 3.18 33.54 -16.01
N GLY A 249 8.29 29.89 -22.25
CA GLY A 249 6.96 30.36 -21.90
C GLY A 249 6.85 30.84 -20.47
N GLN A 250 6.01 30.17 -19.68
CA GLN A 250 5.80 30.54 -18.29
C GLN A 250 5.90 29.32 -17.38
N ASN A 251 5.59 29.51 -16.10
CA ASN A 251 5.65 28.44 -15.12
C ASN A 251 4.29 27.74 -15.00
N ILE A 252 4.15 26.88 -13.99
CA ILE A 252 2.94 26.07 -13.84
C ILE A 252 1.80 26.85 -13.19
N LEU A 253 2.11 27.90 -12.42
CA LEU A 253 1.08 28.62 -11.68
C LEU A 253 -0.10 29.10 -12.53
N PRO A 254 0.08 29.60 -13.76
CA PRO A 254 -1.10 29.96 -14.57
C PRO A 254 -2.06 28.81 -14.80
N TYR A 255 -1.55 27.58 -14.96
CA TYR A 255 -2.43 26.44 -15.14
C TYR A 255 -3.28 26.18 -13.90
N ILE A 256 -2.72 26.42 -12.72
CA ILE A 256 -3.50 26.26 -11.49
C ILE A 256 -4.53 27.37 -11.36
N GLU A 257 -4.19 28.57 -11.83
CA GLU A 257 -5.12 29.69 -11.73
C GLU A 257 -6.35 29.48 -12.62
N TYR A 258 -6.16 28.93 -13.82
CA TYR A 258 -7.30 28.70 -14.70
C TYR A 258 -8.19 27.58 -14.17
N ALA A 259 -7.59 26.49 -13.67
CA ALA A 259 -8.37 25.41 -13.11
C ALA A 259 -9.12 25.83 -11.85
N MET A 260 -8.68 26.89 -11.18
CA MET A 260 -9.38 27.40 -10.01
C MET A 260 -10.45 28.42 -10.36
N LYS A 261 -10.37 29.05 -11.52
CA LYS A 261 -11.39 30.01 -11.95
C LYS A 261 -11.41 30.01 -13.48
N ASN A 262 -12.36 29.28 -14.07
CA ASN A 262 -12.48 29.17 -15.51
C ASN A 262 -13.93 29.38 -15.93
N VAL A 263 -14.10 29.77 -17.19
CA VAL A 263 -15.41 29.93 -17.80
C VAL A 263 -15.42 29.15 -19.11
N THR A 264 -16.12 28.02 -19.12
CA THR A 264 -16.26 27.20 -20.31
C THR A 264 -17.58 27.50 -21.01
N GLN A 265 -17.59 27.34 -22.32
CA GLN A 265 -18.70 27.72 -23.17
C GLN A 265 -19.08 26.57 -24.11
N LYS A 266 -19.21 25.38 -23.55
CA LYS A 266 -19.53 24.19 -24.33
C LYS A 266 -20.42 23.27 -23.52
N ASN A 267 -21.56 22.91 -24.10
CA ASN A 267 -22.52 21.98 -23.49
C ASN A 267 -23.50 21.55 -24.57
N SER A 268 -24.55 20.84 -24.17
CA SER A 268 -25.56 20.37 -25.11
C SER A 268 -26.87 20.07 -24.39
N THR A 276 -28.31 20.47 -27.55
CA THR A 276 -28.39 21.58 -28.49
C THR A 276 -28.54 22.91 -27.76
N GLU A 277 -27.74 23.11 -26.71
CA GLU A 277 -27.80 24.31 -25.90
C GLU A 277 -26.49 25.08 -25.90
N THR A 278 -25.36 24.41 -25.72
CA THR A 278 -24.05 25.05 -25.60
C THR A 278 -24.08 26.09 -24.48
N ILE A 279 -24.30 25.60 -23.26
CA ILE A 279 -24.45 26.48 -22.11
C ILE A 279 -23.08 27.02 -21.69
N THR A 280 -23.11 28.15 -20.98
CA THR A 280 -21.91 28.75 -20.42
C THR A 280 -21.80 28.37 -18.96
N GLN A 281 -20.68 27.77 -18.58
CA GLN A 281 -20.45 27.29 -17.23
C GLN A 281 -19.25 28.01 -16.64
N GLU A 282 -19.34 28.36 -15.35
CA GLU A 282 -18.28 29.11 -14.66
C GLU A 282 -17.95 28.36 -13.38
N CYS A 283 -16.79 27.71 -13.35
CA CYS A 283 -16.31 27.00 -12.17
C CYS A 283 -15.28 27.86 -11.45
N THR A 284 -15.50 28.05 -10.14
CA THR A 284 -14.61 28.86 -9.33
C THR A 284 -14.54 28.29 -7.92
N VAL A 285 -13.33 28.20 -7.38
CA VAL A 285 -13.10 27.70 -6.03
C VAL A 285 -12.68 28.88 -5.15
N LYS A 286 -13.18 28.88 -3.92
CA LYS A 286 -12.88 29.92 -2.93
C LYS A 286 -12.25 29.31 -1.69
N ASN A 287 -11.32 28.38 -1.87
CA ASN A 287 -10.70 27.69 -0.77
C ASN A 287 -9.24 27.39 -1.11
N LEU A 288 -8.36 27.62 -0.14
CA LEU A 288 -6.94 27.25 -0.23
C LEU A 288 -6.68 26.22 0.85
N PRO A 289 -6.82 24.94 0.56
CA PRO A 289 -6.70 23.91 1.58
C PRO A 289 -5.23 23.62 1.89
N SER A 290 -5.02 22.71 2.85
CA SER A 290 -3.67 22.40 3.29
C SER A 290 -2.86 21.75 2.17
N VAL A 291 -3.45 20.82 1.43
CA VAL A 291 -2.78 20.14 0.34
C VAL A 291 -3.58 20.31 -0.94
N LEU A 292 -2.88 20.30 -2.07
CA LEU A 292 -3.48 20.47 -3.39
C LEU A 292 -3.15 19.27 -4.25
N SER A 293 -4.18 18.52 -4.64
CA SER A 293 -4.03 17.35 -5.50
C SER A 293 -4.31 17.77 -6.93
N LEU A 294 -3.27 17.82 -7.75
CA LEU A 294 -3.36 18.26 -9.13
C LEU A 294 -3.35 17.07 -10.08
N GLU A 295 -4.21 17.10 -11.08
CA GLU A 295 -4.31 16.05 -12.09
C GLU A 295 -4.00 16.66 -13.46
N LEU A 296 -2.78 16.45 -13.92
CA LEU A 296 -2.36 16.97 -15.23
C LEU A 296 -2.81 16.00 -16.32
N SER A 297 -3.67 16.50 -17.23
CA SER A 297 -4.11 15.74 -18.40
C SER A 297 -4.27 16.76 -19.53
N LEU A 298 -3.22 16.90 -20.33
CA LEU A 298 -3.18 17.87 -21.42
C LEU A 298 -2.93 17.15 -22.74
N LEU A 299 -2.81 17.94 -23.80
CA LEU A 299 -2.53 17.40 -25.12
C LEU A 299 -1.03 17.11 -25.26
N ASP A 300 -0.71 16.21 -26.20
CA ASP A 300 0.69 15.91 -26.46
C ASP A 300 1.41 17.10 -27.08
N THR A 301 0.69 17.97 -27.80
CA THR A 301 1.29 19.19 -28.29
C THR A 301 1.59 20.16 -27.16
N GLU A 302 0.70 20.23 -26.17
CA GLU A 302 0.98 21.05 -24.99
C GLU A 302 2.02 20.40 -24.09
N PHE A 303 2.04 19.07 -24.04
CA PHE A 303 3.06 18.38 -23.25
C PHE A 303 4.44 18.50 -23.88
N SER A 304 4.52 18.55 -25.21
CA SER A 304 5.82 18.72 -25.87
C SER A 304 6.32 20.15 -25.70
N ASN A 305 5.41 21.13 -25.75
CA ASN A 305 5.80 22.52 -25.57
C ASN A 305 6.18 22.82 -24.13
N ILE A 306 5.70 22.03 -23.17
CA ILE A 306 5.93 22.34 -21.76
C ILE A 306 7.30 21.84 -21.29
N ARG A 307 7.95 20.96 -22.05
CA ARG A 307 9.28 20.48 -21.66
C ARG A 307 10.34 21.54 -21.88
N SER A 308 10.12 22.45 -22.84
CA SER A 308 11.13 23.47 -23.13
C SER A 308 11.20 24.53 -22.05
N SER A 309 10.08 24.81 -21.38
CA SER A 309 10.04 25.83 -20.34
C SER A 309 10.77 25.32 -19.10
N LYS A 310 12.01 25.76 -18.92
CA LYS A 310 12.77 25.37 -17.74
C LYS A 310 12.15 25.97 -16.48
N ASN A 311 12.26 25.23 -15.38
CA ASN A 311 11.67 25.61 -14.10
C ASN A 311 10.17 25.85 -14.21
N TRP A 312 9.50 25.12 -15.11
CA TRP A 312 8.05 25.24 -15.24
C TRP A 312 7.35 24.77 -13.98
N LEU A 313 7.55 23.52 -13.61
CA LEU A 313 7.05 23.00 -12.35
C LEU A 313 7.77 23.69 -11.20
N THR A 314 7.07 24.62 -10.54
CA THR A 314 7.68 25.48 -9.55
C THR A 314 7.93 24.74 -8.24
N SER A 315 9.10 24.99 -7.64
CA SER A 315 9.43 24.37 -6.36
C SER A 315 8.44 24.78 -5.27
N GLU A 316 8.31 26.08 -5.04
CA GLU A 316 7.40 26.58 -4.02
C GLU A 316 6.88 27.94 -4.45
N PHE A 317 5.68 28.27 -3.96
CA PHE A 317 5.06 29.56 -4.23
C PHE A 317 4.17 29.94 -3.07
N TYR A 318 3.62 31.15 -3.14
CA TYR A 318 2.68 31.64 -2.16
C TYR A 318 1.47 32.21 -2.87
N GLY A 319 0.39 32.40 -2.11
CA GLY A 319 -0.83 32.95 -2.68
C GLY A 319 -1.99 32.98 -1.72
N SER A 320 -2.94 33.88 -1.96
CA SER A 320 -4.14 34.00 -1.16
C SER A 320 -5.30 34.33 -2.10
N ILE A 321 -6.46 34.63 -1.51
CA ILE A 321 -7.66 34.96 -2.26
C ILE A 321 -8.00 36.42 -2.02
N ILE A 322 -7.99 37.22 -3.08
CA ILE A 322 -8.31 38.64 -3.01
C ILE A 322 -9.64 38.95 -3.69
N LYS A 323 -9.75 38.68 -4.98
CA LYS A 323 -10.99 38.85 -5.70
C LYS A 323 -11.77 37.53 -5.68
N ASN A 324 -12.80 37.41 -6.52
CA ASN A 324 -13.54 36.17 -6.65
C ASN A 324 -12.71 35.04 -7.25
N LYS A 325 -11.46 35.31 -7.63
CA LYS A 325 -10.54 34.31 -8.15
C LYS A 325 -9.34 34.21 -7.21
N ALA A 326 -8.50 33.20 -7.47
CA ALA A 326 -7.30 32.95 -6.67
C ALA A 326 -6.07 33.34 -7.46
N VAL A 327 -5.18 34.11 -6.84
CA VAL A 327 -3.94 34.58 -7.47
C VAL A 327 -2.78 33.85 -6.82
N LEU A 328 -1.81 33.44 -7.65
CA LEU A 328 -0.63 32.72 -7.20
C LEU A 328 0.61 33.39 -7.77
N ARG A 329 1.51 33.80 -6.88
CA ARG A 329 2.73 34.48 -7.27
C ARG A 329 3.93 33.74 -6.70
N SER A 330 5.11 33.99 -7.31
CA SER A 330 6.33 33.33 -6.87
C SER A 330 6.78 33.87 -5.52
N THR A 331 7.07 35.17 -5.46
CA THR A 331 7.50 35.82 -4.23
C THR A 331 6.39 36.68 -3.66
N ALA A 332 6.50 36.99 -2.38
CA ALA A 332 5.51 37.81 -1.69
C ALA A 332 5.51 39.27 -2.15
N SER A 333 6.52 39.68 -2.91
CA SER A 333 6.56 41.06 -3.40
C SER A 333 5.45 41.31 -4.42
N GLU A 334 5.02 40.29 -5.13
CA GLU A 334 3.93 40.41 -6.09
C GLU A 334 2.55 40.22 -5.47
N LEU A 335 2.49 39.86 -4.18
CA LEU A 335 1.22 39.66 -3.49
C LEU A 335 0.73 40.98 -2.91
N LYS A 336 -0.53 41.32 -3.20
CA LYS A 336 -1.12 42.54 -2.69
C LYS A 336 -1.45 42.46 -1.20
N GLY A 337 -1.33 41.28 -0.59
CA GLY A 337 -1.63 41.16 0.83
C GLY A 337 -3.11 41.29 1.08
N THR A 338 -3.46 42.11 2.08
CA THR A 338 -4.84 42.44 2.44
C THR A 338 -5.65 41.20 2.84
N SER A 339 -4.99 40.08 3.11
CA SER A 339 -5.69 38.86 3.49
C SER A 339 -4.68 37.90 4.10
N HIS A 340 -5.20 36.83 4.71
CA HIS A 340 -4.36 35.79 5.29
C HIS A 340 -3.60 35.08 4.18
N ILE A 341 -2.29 35.25 4.15
CA ILE A 341 -1.46 34.66 3.11
C ILE A 341 -1.16 33.21 3.46
N PHE A 342 -1.02 32.38 2.42
CA PHE A 342 -0.70 30.97 2.57
C PHE A 342 0.54 30.65 1.75
N LYS A 343 1.45 29.89 2.33
CA LYS A 343 2.67 29.44 1.66
C LYS A 343 2.54 27.96 1.32
N TYR A 344 2.95 27.61 0.11
CA TYR A 344 2.85 26.24 -0.38
C TYR A 344 4.21 25.76 -0.87
N GLU A 345 4.54 24.51 -0.53
CA GLU A 345 5.76 23.87 -0.99
C GLU A 345 5.40 22.54 -1.64
N LEU A 346 6.23 22.12 -2.59
CA LEU A 346 5.97 20.88 -3.31
C LEU A 346 6.23 19.68 -2.41
N ASN A 347 5.27 18.77 -2.34
CA ASN A 347 5.43 17.55 -1.57
C ASN A 347 5.96 16.40 -2.43
N GLY A 348 5.33 16.18 -3.57
CA GLY A 348 5.77 15.15 -4.49
C GLY A 348 4.87 15.13 -5.71
N TYR A 349 5.27 14.32 -6.69
CA TYR A 349 4.47 14.18 -7.89
C TYR A 349 4.78 12.85 -8.57
N VAL A 350 3.81 12.35 -9.33
CA VAL A 350 3.91 11.09 -10.05
C VAL A 350 4.06 11.40 -11.53
N ALA A 351 5.14 10.90 -12.14
CA ALA A 351 5.40 11.11 -13.56
C ALA A 351 5.30 9.78 -14.30
N LYS A 352 4.97 9.86 -15.59
CA LYS A 352 4.85 8.70 -16.45
C LYS A 352 6.13 8.54 -17.27
N ILE A 353 6.74 7.36 -17.18
CA ILE A 353 7.97 7.05 -17.89
C ILE A 353 7.63 6.25 -19.14
N THR A 354 8.08 6.74 -20.30
CA THR A 354 7.94 6.03 -21.56
C THR A 354 9.30 5.44 -21.92
N ASP A 355 9.45 4.13 -21.75
CA ASP A 355 10.72 3.47 -21.99
C ASP A 355 11.12 3.58 -23.47
N ASN A 356 12.42 3.43 -23.72
CA ASN A 356 12.90 3.39 -25.10
C ASN A 356 12.40 2.15 -25.84
N ASN A 357 11.97 1.12 -25.11
CA ASN A 357 11.28 -0.02 -25.69
C ASN A 357 9.79 0.22 -25.84
N ASN A 358 9.36 1.48 -25.77
CA ASN A 358 7.96 1.87 -25.89
C ASN A 358 7.10 1.22 -24.80
N GLU A 359 7.67 1.10 -23.60
CA GLU A 359 6.96 0.60 -22.44
C GLU A 359 6.64 1.76 -21.49
N THR A 360 5.51 1.63 -20.80
CA THR A 360 5.02 2.68 -19.92
C THR A 360 4.99 2.19 -18.48
N ARG A 361 5.41 3.07 -17.56
CA ARG A 361 5.35 2.77 -16.13
C ARG A 361 5.38 4.10 -15.38
N LEU A 362 4.98 4.04 -14.11
CA LEU A 362 4.89 5.23 -13.27
C LEU A 362 6.01 5.23 -12.24
N VAL A 363 6.45 6.44 -11.88
CA VAL A 363 7.44 6.66 -10.83
C VAL A 363 6.92 7.77 -9.92
N THR A 364 7.58 7.93 -8.78
CA THR A 364 7.14 8.87 -7.76
C THR A 364 8.34 9.62 -7.21
N TYR A 365 8.28 10.96 -7.30
CA TYR A 365 9.26 11.83 -6.66
C TYR A 365 8.67 12.33 -5.35
N VAL A 366 9.52 12.44 -4.33
CA VAL A 366 9.07 12.70 -2.97
C VAL A 366 10.09 13.56 -2.24
N LYS A 367 9.61 14.53 -1.49
CA LYS A 367 10.44 15.33 -0.59
C LYS A 367 10.04 15.04 0.85
N LYS A 368 11.04 14.99 1.74
CA LYS A 368 10.81 14.75 3.15
C LYS A 368 11.70 15.67 3.98
N TYR A 369 11.18 16.11 5.11
CA TYR A 369 11.88 17.03 6.00
C TYR A 369 12.38 16.27 7.23
N ASN A 370 13.60 16.59 7.65
CA ASN A 370 14.20 15.97 8.83
C ASN A 370 14.16 16.96 9.99
N PRO A 371 13.57 16.60 11.14
CA PRO A 371 13.49 17.56 12.25
C PRO A 371 14.81 17.84 12.93
N LYS A 372 15.85 17.05 12.69
CA LYS A 372 17.16 17.27 13.29
C LYS A 372 17.96 18.35 12.57
N GLU A 373 17.43 18.93 11.50
CA GLU A 373 18.11 19.96 10.73
C GLU A 373 17.05 20.68 9.90
N ASN A 374 17.50 21.53 8.96
CA ASN A 374 16.63 22.18 8.00
C ASN A 374 17.07 21.74 6.61
N CYS A 375 16.55 20.60 6.17
CA CYS A 375 16.99 20.00 4.92
C CYS A 375 15.81 19.32 4.23
N PHE A 376 15.84 19.34 2.90
CA PHE A 376 14.85 18.66 2.06
C PHE A 376 15.57 17.60 1.25
N LYS A 377 15.24 16.33 1.51
CA LYS A 377 15.82 15.22 0.80
C LYS A 377 14.84 14.69 -0.23
N TRP A 378 15.30 14.60 -1.48
CA TRP A 378 14.48 14.08 -2.57
C TRP A 378 14.63 12.57 -2.67
N LEU A 379 13.53 11.91 -3.06
CA LEU A 379 13.52 10.47 -3.24
C LEU A 379 12.71 10.13 -4.48
N MET A 380 13.24 9.24 -5.31
CA MET A 380 12.55 8.72 -6.48
C MET A 380 12.17 7.27 -6.21
N PHE A 381 11.00 6.87 -6.71
CA PHE A 381 10.43 5.56 -6.42
C PHE A 381 10.01 4.88 -7.70
N ASN A 382 10.77 3.87 -8.12
CA ASN A 382 10.28 2.88 -9.07
C ASN A 382 9.52 1.82 -8.27
N ASP A 383 9.23 0.67 -8.88
CA ASP A 383 8.50 -0.38 -8.19
C ASP A 383 9.18 -0.75 -6.88
N TYR A 384 10.41 -1.30 -6.97
CA TYR A 384 11.21 -1.56 -5.78
C TYR A 384 12.57 -0.86 -5.84
N LEU A 385 12.77 0.02 -6.82
CA LEU A 385 13.99 0.80 -6.95
C LEU A 385 13.77 2.15 -6.28
N VAL A 386 14.53 2.42 -5.21
CA VAL A 386 14.41 3.66 -4.45
C VAL A 386 15.79 4.30 -4.36
N VAL A 387 15.88 5.57 -4.76
CA VAL A 387 17.13 6.31 -4.76
C VAL A 387 16.89 7.71 -4.21
N GLU A 388 17.96 8.30 -3.68
CA GLU A 388 17.94 9.68 -3.20
C GLU A 388 18.59 10.57 -4.25
N ILE A 389 17.83 11.53 -4.78
CA ILE A 389 18.31 12.38 -5.86
C ILE A 389 18.39 13.83 -5.40
N THR A 390 18.88 14.70 -6.27
CA THR A 390 18.99 16.12 -5.98
C THR A 390 17.77 16.88 -6.52
N GLU A 391 17.65 18.14 -6.09
CA GLU A 391 16.49 18.93 -6.47
C GLU A 391 16.57 19.35 -7.94
N GLU A 392 17.78 19.66 -8.43
CA GLU A 392 17.92 20.08 -9.82
C GLU A 392 17.50 18.99 -10.79
N GLU A 393 17.57 17.73 -10.37
CA GLU A 393 17.14 16.62 -11.22
C GLU A 393 15.68 16.26 -11.04
N ALA A 394 15.14 16.44 -9.83
CA ALA A 394 13.75 16.09 -9.59
C ALA A 394 12.80 17.07 -10.28
N LEU A 395 13.15 18.36 -10.30
CA LEU A 395 12.30 19.35 -10.94
C LEU A 395 12.50 19.43 -12.45
N LYS A 396 13.68 19.03 -12.94
CA LYS A 396 13.95 19.09 -14.37
C LYS A 396 13.07 18.11 -15.13
N MET A 397 12.36 18.61 -16.14
CA MET A 397 11.48 17.79 -16.97
C MET A 397 11.69 18.11 -18.44
N THR A 398 12.94 18.38 -18.82
CA THR A 398 13.27 18.58 -20.22
C THR A 398 13.35 17.28 -21.00
N TYR A 399 13.34 16.14 -20.31
CA TYR A 399 13.44 14.85 -20.98
C TYR A 399 12.12 14.49 -21.66
N PRO A 400 12.17 13.99 -22.90
CA PRO A 400 10.92 13.66 -23.60
C PRO A 400 10.22 12.42 -23.05
N TRP A 401 10.93 11.55 -22.33
CA TRP A 401 10.34 10.34 -21.77
C TRP A 401 9.75 10.58 -20.38
N LYS A 402 9.48 11.83 -20.02
CA LYS A 402 8.97 12.18 -18.70
C LYS A 402 7.73 13.05 -18.86
N THR A 403 6.63 12.65 -18.23
CA THR A 403 5.38 13.40 -18.30
C THR A 403 4.73 13.44 -16.93
N PRO A 404 4.60 14.63 -16.33
CA PRO A 404 3.93 14.72 -15.02
C PRO A 404 2.45 14.40 -15.15
N GLU A 405 1.95 13.56 -14.24
CA GLU A 405 0.56 13.12 -14.26
C GLU A 405 -0.22 13.55 -13.03
N ILE A 406 0.37 13.44 -11.85
CA ILE A 406 -0.31 13.78 -10.60
C ILE A 406 0.68 14.55 -9.73
N ILE A 407 0.37 15.81 -9.43
CA ILE A 407 1.24 16.67 -8.63
C ILE A 407 0.55 16.95 -7.30
N ILE A 408 1.35 17.04 -6.24
CA ILE A 408 0.86 17.28 -4.89
C ILE A 408 1.63 18.45 -4.29
N TYR A 409 0.90 19.49 -3.89
CA TYR A 409 1.46 20.62 -3.16
C TYR A 409 0.96 20.60 -1.73
N CYS A 410 1.80 21.02 -0.79
CA CYS A 410 1.50 20.97 0.63
C CYS A 410 1.74 22.33 1.26
N ASP A 411 1.11 22.55 2.41
CA ASP A 411 1.31 23.77 3.16
C ASP A 411 2.73 23.83 3.74
N ALA A 412 3.24 25.04 3.91
CA ALA A 412 4.59 25.24 4.42
C ALA A 412 4.76 24.70 5.83
N GLU A 413 4.06 25.30 6.80
CA GLU A 413 4.26 24.95 8.20
C GLU A 413 3.81 23.53 8.51
N GLU A 414 3.06 22.88 7.62
CA GLU A 414 2.55 21.54 7.88
C GLU A 414 3.46 20.44 7.34
N LEU A 415 4.31 20.76 6.35
CA LEU A 415 5.22 19.76 5.82
C LEU A 415 6.37 19.50 6.79
N ARG A 416 6.90 20.56 7.40
CA ARG A 416 7.92 20.45 8.45
C ARG A 416 7.44 19.69 9.68
N LYS A 417 6.18 19.30 9.75
CA LYS A 417 5.72 18.53 10.89
C LYS A 417 6.23 17.09 10.79
N PRO A 418 6.66 16.49 11.90
CA PRO A 418 7.20 15.13 11.84
C PRO A 418 6.10 14.10 11.62
N PHE A 419 6.53 12.92 11.20
CA PHE A 419 5.62 11.79 10.99
C PHE A 419 5.46 11.01 12.28
N PHE A 420 4.23 10.80 12.70
CA PHE A 420 3.91 10.13 13.96
C PHE A 420 3.54 8.69 13.69
N SER A 421 4.23 7.76 14.36
CA SER A 421 3.93 6.35 14.22
C SER A 421 2.60 6.02 14.88
N VAL A 422 2.11 4.80 14.64
CA VAL A 422 0.85 4.38 15.23
C VAL A 422 0.98 4.24 16.74
N ASP A 423 2.19 3.95 17.23
CA ASP A 423 2.42 3.82 18.68
C ASP A 423 2.80 5.17 19.28
N THR A 424 1.99 6.18 18.99
CA THR A 424 2.03 7.46 19.69
C THR A 424 0.71 7.74 20.41
N TYR A 425 -0.27 6.86 20.26
CA TYR A 425 -1.56 6.93 20.93
C TYR A 425 -1.77 5.64 21.71
N SER A 426 -2.98 5.49 22.26
CA SER A 426 -3.38 4.27 22.94
C SER A 426 -4.21 3.42 21.97
N ILE A 427 -3.69 2.26 21.60
CA ILE A 427 -4.34 1.38 20.65
C ILE A 427 -5.33 0.48 21.39
N ASN A 428 -6.37 0.06 20.69
CA ASN A 428 -7.44 -0.75 21.27
C ASN A 428 -7.17 -2.22 20.97
N TYR A 429 -6.63 -2.93 21.95
CA TYR A 429 -6.38 -4.37 21.84
C TYR A 429 -7.54 -5.19 22.38
N ASP A 430 -8.75 -4.90 21.90
CA ASP A 430 -9.94 -5.60 22.39
C ASP A 430 -10.31 -6.81 21.55
N ILE A 431 -9.81 -6.91 20.32
CA ILE A 431 -10.18 -8.01 19.44
C ILE A 431 -9.49 -9.30 19.87
N LEU A 432 -8.33 -9.19 20.53
CA LEU A 432 -7.63 -10.36 21.04
C LEU A 432 -8.43 -11.12 22.09
N PHE A 433 -9.50 -10.52 22.62
CA PHE A 433 -10.34 -11.16 23.62
C PHE A 433 -11.78 -11.35 23.17
N ARG A 434 -12.28 -10.51 22.27
CA ARG A 434 -13.67 -10.59 21.84
C ARG A 434 -13.85 -11.72 20.82
N ASP A 435 -15.05 -12.32 20.85
CA ASP A 435 -15.46 -13.32 19.87
C ASP A 435 -16.29 -12.63 18.80
N TYR A 436 -15.67 -12.32 17.68
CA TYR A 436 -16.30 -11.59 16.57
C TYR A 436 -16.35 -12.51 15.37
N PHE A 437 -17.48 -13.19 15.19
CA PHE A 437 -17.67 -14.13 14.10
C PHE A 437 -18.83 -13.68 13.22
N ALA A 438 -18.77 -14.07 11.95
CA ALA A 438 -19.82 -13.77 10.98
C ALA A 438 -20.64 -14.99 10.62
N ASN A 439 -20.48 -16.09 11.34
CA ASN A 439 -21.21 -17.33 11.10
C ASN A 439 -21.96 -17.74 12.36
N GLY A 440 -22.64 -18.88 12.27
CA GLY A 440 -23.40 -19.39 13.40
C GLY A 440 -22.91 -20.75 13.89
N GLU A 448 -11.94 -26.65 18.96
CA GLU A 448 -11.73 -26.91 20.38
C GLU A 448 -10.67 -25.97 20.95
N TYR A 449 -11.03 -24.71 21.09
CA TYR A 449 -10.10 -23.70 21.61
C TYR A 449 -10.73 -22.94 22.77
N LYS A 450 -10.04 -21.92 23.27
CA LYS A 450 -10.52 -21.12 24.39
C LYS A 450 -9.98 -19.71 24.26
N LEU A 451 -10.87 -18.72 24.40
CA LEU A 451 -10.49 -17.33 24.17
C LEU A 451 -9.52 -16.85 25.25
N LEU A 452 -9.01 -15.63 25.05
CA LEU A 452 -8.04 -15.04 25.95
C LEU A 452 -8.72 -14.24 27.06
N THR A 453 -7.94 -13.93 28.09
CA THR A 453 -8.39 -13.11 29.20
C THR A 453 -7.39 -11.99 29.43
N HIS A 454 -7.80 -11.00 30.23
CA HIS A 454 -6.97 -9.82 30.44
C HIS A 454 -5.77 -10.09 31.34
N ASP A 455 -5.75 -11.21 32.06
CA ASP A 455 -4.53 -11.60 32.77
C ASP A 455 -3.52 -12.25 31.83
N GLU A 456 -3.96 -12.72 30.66
CA GLU A 456 -3.06 -13.20 29.62
C GLU A 456 -2.67 -12.09 28.65
N ALA A 457 -2.74 -10.82 29.08
CA ALA A 457 -2.43 -9.67 28.24
C ALA A 457 -1.02 -9.80 27.67
N PRO A 458 -0.90 -9.96 26.34
CA PRO A 458 0.42 -10.16 25.75
C PRO A 458 1.32 -8.96 25.96
N LYS A 459 2.60 -9.24 26.24
CA LYS A 459 3.60 -8.21 26.45
C LYS A 459 4.70 -8.36 25.39
N SER A 460 5.76 -7.57 25.54
CA SER A 460 6.88 -7.59 24.61
C SER A 460 7.72 -8.83 24.88
N GLY A 461 7.33 -9.94 24.25
CA GLY A 461 8.07 -11.18 24.40
C GLY A 461 7.20 -12.40 24.62
N THR A 462 5.88 -12.21 24.55
CA THR A 462 4.96 -13.32 24.76
C THR A 462 5.10 -14.33 23.62
N LEU A 463 5.34 -15.58 23.98
CA LEU A 463 5.51 -16.64 22.99
C LEU A 463 4.16 -17.07 22.45
N VAL A 464 4.05 -17.17 21.13
CA VAL A 464 2.84 -17.61 20.45
C VAL A 464 3.23 -18.45 19.24
N ALA A 465 2.39 -19.43 18.93
CA ALA A 465 2.60 -20.34 17.81
C ALA A 465 1.56 -20.04 16.74
N ILE A 466 2.02 -19.66 15.55
CA ILE A 466 1.16 -19.24 14.46
C ILE A 466 1.33 -20.19 13.28
N ASP A 467 0.22 -20.50 12.63
CA ASP A 467 0.22 -21.29 11.41
C ASP A 467 -0.97 -20.86 10.55
N ALA A 468 -0.76 -20.78 9.24
CA ALA A 468 -1.77 -20.28 8.32
C ALA A 468 -1.97 -21.25 7.17
N ALA A 469 -3.23 -21.34 6.72
CA ALA A 469 -3.61 -22.14 5.57
C ALA A 469 -4.09 -21.22 4.46
N PHE A 470 -3.78 -21.57 3.21
CA PHE A 470 -4.05 -20.73 2.07
C PHE A 470 -4.74 -21.52 0.97
N VAL A 471 -5.29 -20.79 0.00
CA VAL A 471 -5.97 -21.37 -1.16
C VAL A 471 -5.46 -20.66 -2.41
N SER A 472 -5.81 -21.23 -3.56
CA SER A 472 -5.36 -20.72 -4.85
C SER A 472 -6.54 -20.10 -5.59
N LEU A 473 -6.43 -18.81 -5.92
CA LEU A 473 -7.43 -18.12 -6.71
C LEU A 473 -7.16 -18.24 -8.20
N GLN A 474 -5.90 -18.04 -8.62
CA GLN A 474 -5.50 -18.17 -10.01
C GLN A 474 -4.21 -18.96 -10.07
N SER A 475 -3.66 -19.09 -11.27
CA SER A 475 -2.42 -19.82 -11.50
C SER A 475 -1.37 -18.84 -12.06
N GLU A 476 -0.25 -19.40 -12.51
CA GLU A 476 0.85 -18.57 -13.01
C GLU A 476 0.38 -17.61 -14.10
N LEU A 477 -0.30 -18.13 -15.11
CA LEU A 477 -0.86 -17.32 -16.21
C LEU A 477 0.22 -16.43 -16.83
N CYS A 478 1.21 -17.10 -17.42
CA CYS A 478 2.40 -16.43 -17.95
C CYS A 478 2.27 -16.21 -19.46
N GLU A 479 3.10 -15.30 -19.98
CA GLU A 479 3.17 -15.02 -21.39
C GLU A 479 4.59 -15.26 -21.89
N ILE A 480 4.71 -15.86 -23.07
CA ILE A 480 6.02 -16.15 -23.64
C ILE A 480 5.95 -16.14 -25.17
N ILE A 485 10.16 -17.29 -24.03
CA ILE A 485 10.68 -16.71 -22.80
C ILE A 485 9.64 -15.79 -22.17
N ARG A 486 9.49 -15.87 -20.85
CA ARG A 486 8.51 -15.05 -20.15
C ARG A 486 8.88 -13.57 -20.24
N SER A 487 7.92 -12.75 -20.66
CA SER A 487 8.20 -11.34 -20.86
C SER A 487 7.14 -10.37 -20.35
N ILE A 488 5.92 -10.84 -20.03
CA ILE A 488 4.85 -9.90 -19.70
C ILE A 488 4.20 -10.20 -18.36
N ILE A 489 3.67 -11.40 -18.20
CA ILE A 489 2.78 -11.72 -17.10
C ILE A 489 3.55 -12.44 -15.99
N ARG A 490 2.91 -12.57 -14.83
CA ARG A 490 3.54 -13.13 -13.65
C ARG A 490 2.48 -13.86 -12.83
N PRO A 491 2.89 -14.82 -11.99
CA PRO A 491 1.91 -15.53 -11.17
C PRO A 491 1.35 -14.64 -10.07
N LYS A 492 0.07 -14.87 -9.74
CA LYS A 492 -0.66 -14.02 -8.82
C LYS A 492 -1.66 -14.86 -8.03
N ARG A 493 -2.45 -14.16 -7.20
CA ARG A 493 -3.73 -14.65 -6.68
C ARG A 493 -3.57 -15.92 -5.84
N THR A 494 -2.92 -15.75 -4.70
CA THR A 494 -2.99 -16.71 -3.60
C THR A 494 -3.63 -16.03 -2.40
N ALA A 495 -4.64 -16.66 -1.82
CA ALA A 495 -5.48 -16.03 -0.80
C ALA A 495 -5.37 -16.78 0.52
N LEU A 496 -5.76 -16.08 1.59
CA LEU A 496 -5.70 -16.62 2.94
C LEU A 496 -7.04 -17.26 3.31
N ALA A 497 -6.98 -18.40 3.99
CA ALA A 497 -8.16 -19.15 4.37
C ALA A 497 -8.33 -19.27 5.88
N ARG A 498 -7.29 -19.70 6.60
CA ARG A 498 -7.41 -19.96 8.02
C ARG A 498 -6.05 -19.79 8.69
N ILE A 499 -6.05 -19.12 9.86
CA ILE A 499 -4.88 -19.04 10.71
C ILE A 499 -5.29 -19.45 12.12
N SER A 500 -4.27 -19.75 12.93
CA SER A 500 -4.48 -20.13 14.33
C SER A 500 -3.26 -19.74 15.14
N ILE A 501 -3.48 -19.09 16.28
CA ILE A 501 -2.41 -18.71 17.18
C ILE A 501 -2.57 -19.51 18.47
N ILE A 502 -1.46 -20.03 18.98
CA ILE A 502 -1.46 -20.89 20.16
C ILE A 502 -0.74 -20.19 21.29
N ARG A 503 -1.18 -20.47 22.53
CA ARG A 503 -0.49 -19.95 23.70
C ARG A 503 0.86 -20.64 23.85
N GLY A 504 1.93 -19.86 23.76
CA GLY A 504 3.27 -20.42 23.82
C GLY A 504 3.97 -20.19 25.14
N GLU A 505 3.39 -19.34 25.99
CA GLU A 505 4.00 -19.07 27.29
C GLU A 505 3.80 -20.24 28.22
N GLU A 506 4.85 -20.56 28.98
CA GLU A 506 4.82 -21.70 29.89
C GLU A 506 3.86 -21.41 31.04
N GLY A 507 2.87 -22.30 31.22
CA GLY A 507 1.91 -22.12 32.29
C GLY A 507 0.80 -23.16 32.18
N GLU A 508 -0.29 -22.90 32.89
CA GLU A 508 -1.44 -23.80 32.84
C GLU A 508 -2.04 -23.84 31.44
N LEU A 509 -2.16 -22.68 30.79
CA LEU A 509 -2.68 -22.61 29.43
C LEU A 509 -1.50 -22.58 28.45
N TYR A 510 -0.87 -23.74 28.32
CA TYR A 510 0.27 -23.93 27.41
C TYR A 510 -0.12 -24.92 26.32
N GLY A 511 0.23 -24.59 25.08
CA GLY A 511 -0.10 -25.42 23.95
C GLY A 511 -1.56 -25.39 23.54
N VAL A 512 -2.42 -24.69 24.27
CA VAL A 512 -3.83 -24.57 23.92
C VAL A 512 -4.01 -23.32 23.07
N PRO A 513 -4.75 -23.41 21.96
CA PRO A 513 -4.95 -22.24 21.11
C PRO A 513 -5.88 -21.23 21.77
N PHE A 514 -5.95 -20.04 21.17
CA PHE A 514 -6.93 -19.05 21.57
C PHE A 514 -7.67 -18.39 20.40
N VAL A 515 -7.20 -18.55 19.17
CA VAL A 515 -7.98 -18.20 17.99
C VAL A 515 -7.90 -19.34 16.99
N ASP A 516 -9.00 -19.59 16.29
CA ASP A 516 -9.08 -20.58 15.22
C ASP A 516 -9.90 -20.03 14.07
N ASP A 517 -9.67 -18.77 13.73
CA ASP A 517 -10.54 -18.06 12.81
C ASP A 517 -10.30 -18.48 11.36
N TYR A 518 -11.39 -18.61 10.62
CA TYR A 518 -11.35 -18.80 9.18
C TYR A 518 -11.68 -17.49 8.48
N VAL A 519 -11.06 -17.25 7.34
CA VAL A 519 -11.19 -16.00 6.61
C VAL A 519 -12.21 -16.18 5.50
N VAL A 520 -13.30 -15.42 5.55
CA VAL A 520 -14.30 -15.46 4.50
C VAL A 520 -13.70 -14.95 3.20
N ASN A 521 -14.20 -15.48 2.08
CA ASN A 521 -13.70 -15.07 0.77
C ASN A 521 -14.80 -15.33 -0.25
N THR A 522 -15.23 -14.27 -0.95
CA THR A 522 -16.26 -14.38 -1.95
C THR A 522 -15.71 -14.54 -3.36
N ASN A 523 -14.41 -14.34 -3.56
CA ASN A 523 -13.83 -14.46 -4.88
C ASN A 523 -13.77 -15.92 -5.32
N HIS A 524 -13.83 -16.12 -6.63
CA HIS A 524 -13.77 -17.46 -7.19
C HIS A 524 -12.38 -18.07 -7.00
N ILE A 525 -12.33 -19.24 -6.38
CA ILE A 525 -11.07 -19.93 -6.13
C ILE A 525 -10.84 -20.94 -7.25
N GLU A 526 -9.56 -21.26 -7.48
CA GLU A 526 -9.20 -22.26 -8.49
C GLU A 526 -8.81 -23.60 -7.89
N ASP A 527 -8.37 -23.63 -6.63
CA ASP A 527 -7.98 -24.86 -5.98
C ASP A 527 -7.97 -24.63 -4.48
N TYR A 528 -8.56 -25.55 -3.73
CA TYR A 528 -8.61 -25.44 -2.27
C TYR A 528 -7.30 -25.87 -1.61
N LEU A 529 -6.49 -26.70 -2.29
CA LEU A 529 -5.30 -27.30 -1.70
C LEU A 529 -5.68 -28.05 -0.41
N THR A 530 -6.79 -28.79 -0.47
CA THR A 530 -7.39 -29.36 0.72
C THR A 530 -6.44 -30.29 1.47
N ARG A 531 -5.57 -30.99 0.74
CA ARG A 531 -4.64 -31.91 1.39
C ARG A 531 -3.64 -31.16 2.26
N TYR A 532 -3.23 -29.96 1.83
CA TYR A 532 -2.25 -29.16 2.55
C TYR A 532 -2.87 -27.94 3.22
N SER A 533 -4.19 -27.74 3.11
CA SER A 533 -4.86 -26.63 3.77
C SER A 533 -5.84 -27.06 4.84
N GLY A 534 -6.44 -28.25 4.71
CA GLY A 534 -7.46 -28.65 5.65
C GLY A 534 -8.73 -27.84 5.56
N ILE A 535 -8.94 -27.14 4.45
CA ILE A 535 -10.09 -26.26 4.27
C ILE A 535 -11.12 -27.01 3.43
N LEU A 536 -12.10 -27.60 4.10
CA LEU A 536 -13.26 -28.13 3.40
C LEU A 536 -14.02 -26.98 2.76
N PRO A 537 -14.82 -27.26 1.72
CA PRO A 537 -15.54 -26.18 1.04
C PRO A 537 -16.63 -25.56 1.92
N GLY A 538 -16.25 -25.09 3.11
CA GLY A 538 -17.16 -24.43 4.01
C GLY A 538 -16.70 -23.03 4.35
N ASP A 539 -15.86 -22.46 3.49
CA ASP A 539 -15.38 -21.10 3.67
C ASP A 539 -16.36 -20.06 3.15
N LEU A 540 -17.50 -20.48 2.61
CA LEU A 540 -18.51 -19.53 2.17
C LEU A 540 -19.20 -18.92 3.36
N ASP A 541 -19.48 -17.61 3.27
CA ASP A 541 -20.00 -16.86 4.41
C ASP A 541 -21.25 -17.46 5.03
N PRO A 542 -22.29 -17.86 4.28
CA PRO A 542 -23.43 -18.53 4.90
C PRO A 542 -23.32 -20.04 4.97
N GLU A 543 -22.29 -20.64 4.37
CA GLU A 543 -22.14 -22.08 4.27
C GLU A 543 -20.98 -22.60 5.13
N LYS A 544 -20.80 -22.03 6.31
CA LYS A 544 -19.77 -22.51 7.24
C LYS A 544 -20.12 -23.91 7.71
N SER A 545 -19.29 -24.88 7.35
CA SER A 545 -19.53 -26.27 7.71
C SER A 545 -19.54 -26.45 9.22
N THR A 546 -18.38 -26.23 9.86
CA THR A 546 -18.28 -26.27 11.31
C THR A 546 -17.49 -25.10 11.89
N LYS A 547 -16.61 -24.47 11.11
CA LYS A 547 -15.73 -23.44 11.62
C LYS A 547 -16.46 -22.11 11.74
N ARG A 548 -16.14 -21.35 12.78
CA ARG A 548 -16.65 -20.00 12.94
C ARG A 548 -15.86 -19.05 12.04
N LEU A 549 -16.57 -18.41 11.11
CA LEU A 549 -15.91 -17.59 10.10
C LEU A 549 -15.63 -16.19 10.63
N VAL A 550 -14.80 -15.47 9.88
CA VAL A 550 -14.44 -14.09 10.20
C VAL A 550 -13.95 -13.42 8.94
N ARG A 551 -14.03 -12.09 8.89
CA ARG A 551 -13.57 -11.34 7.75
C ARG A 551 -12.04 -11.32 7.71
N ARG A 552 -11.48 -10.73 6.65
CA ARG A 552 -10.04 -10.62 6.54
C ARG A 552 -9.49 -9.45 7.35
N ASN A 553 -10.29 -8.39 7.52
CA ASN A 553 -9.83 -7.23 8.27
C ASN A 553 -9.73 -7.53 9.76
N VAL A 554 -10.64 -8.35 10.29
CA VAL A 554 -10.62 -8.65 11.71
C VAL A 554 -9.48 -9.60 12.05
N VAL A 555 -9.23 -10.59 11.20
CA VAL A 555 -8.20 -11.58 11.49
C VAL A 555 -6.81 -10.97 11.30
N TYR A 556 -6.69 -9.98 10.41
CA TYR A 556 -5.41 -9.30 10.23
C TYR A 556 -5.07 -8.45 11.45
N ARG A 557 -6.08 -7.84 12.06
CA ARG A 557 -5.82 -7.00 13.23
C ARG A 557 -5.30 -7.82 14.40
N LYS A 558 -5.76 -9.06 14.55
CA LYS A 558 -5.23 -9.91 15.61
C LYS A 558 -3.73 -10.14 15.45
N VAL A 559 -3.28 -10.37 14.22
CA VAL A 559 -1.85 -10.55 13.98
C VAL A 559 -1.10 -9.23 14.10
N TRP A 560 -1.71 -8.15 13.60
CA TRP A 560 -1.04 -6.85 13.66
C TRP A 560 -0.84 -6.38 15.10
N LEU A 561 -1.83 -6.60 15.96
CA LEU A 561 -1.70 -6.21 17.35
C LEU A 561 -0.66 -7.06 18.08
N LEU A 562 -0.53 -8.33 17.69
CA LEU A 562 0.45 -9.21 18.33
C LEU A 562 1.87 -8.73 18.07
N MET A 563 2.18 -8.43 16.81
CA MET A 563 3.51 -7.90 16.49
C MET A 563 3.66 -6.45 16.92
N GLN A 564 2.55 -5.72 17.08
CA GLN A 564 2.62 -4.35 17.57
C GLN A 564 3.12 -4.31 19.01
N LEU A 565 2.60 -5.20 19.86
CA LEU A 565 3.06 -5.29 21.23
C LEU A 565 4.45 -5.88 21.34
N GLY A 566 4.89 -6.63 20.33
CA GLY A 566 6.20 -7.25 20.34
C GLY A 566 6.20 -8.73 20.65
N CYS A 567 5.12 -9.45 20.35
CA CYS A 567 5.07 -10.88 20.63
C CYS A 567 6.04 -11.64 19.73
N VAL A 568 6.43 -12.82 20.21
CA VAL A 568 7.41 -13.66 19.54
C VAL A 568 6.67 -14.83 18.89
N PHE A 569 6.70 -14.87 17.55
CA PHE A 569 6.01 -15.91 16.80
C PHE A 569 6.94 -17.09 16.55
N VAL A 570 6.41 -18.29 16.76
CA VAL A 570 7.12 -19.52 16.44
C VAL A 570 6.30 -20.29 15.41
N GLY A 571 6.98 -21.10 14.60
CA GLY A 571 6.33 -21.86 13.58
C GLY A 571 7.32 -22.33 12.53
N HIS A 572 6.77 -22.94 11.48
CA HIS A 572 7.56 -23.49 10.38
C HIS A 572 7.28 -22.68 9.12
N GLY A 573 8.33 -22.09 8.55
CA GLY A 573 8.20 -21.28 7.36
C GLY A 573 7.36 -20.04 7.59
N LEU A 574 7.68 -19.30 8.66
CA LEU A 574 6.88 -18.15 9.03
C LEU A 574 7.02 -17.00 8.02
N ASN A 575 8.15 -16.95 7.31
CA ASN A 575 8.34 -15.89 6.32
C ASN A 575 7.35 -16.02 5.16
N ASN A 576 6.91 -17.25 4.87
CA ASN A 576 5.93 -17.44 3.80
C ASN A 576 4.55 -16.95 4.22
N ASP A 577 4.11 -17.31 5.43
CA ASP A 577 2.80 -16.89 5.89
C ASP A 577 2.71 -15.37 5.97
N PHE A 578 3.70 -14.73 6.61
CA PHE A 578 3.69 -13.28 6.75
C PHE A 578 3.74 -12.59 5.39
N LYS A 579 4.39 -13.22 4.40
CA LYS A 579 4.41 -12.64 3.06
C LYS A 579 3.01 -12.68 2.43
N HIS A 580 2.28 -13.78 2.65
CA HIS A 580 0.96 -13.93 2.06
C HIS A 580 -0.15 -13.34 2.92
N ILE A 581 0.04 -13.30 4.24
CA ILE A 581 -0.83 -12.51 5.11
C ILE A 581 -0.64 -11.03 4.88
N ASN A 582 0.45 -10.65 4.20
CA ASN A 582 0.79 -9.26 3.91
C ASN A 582 1.04 -8.48 5.21
N ILE A 583 2.03 -8.96 5.96
CA ILE A 583 2.50 -8.29 7.17
C ILE A 583 3.98 -8.58 7.33
N ASN A 584 4.74 -7.59 7.77
CA ASN A 584 6.18 -7.71 7.93
C ASN A 584 6.51 -7.70 9.41
N VAL A 585 7.16 -8.76 9.87
CA VAL A 585 7.53 -8.93 11.27
C VAL A 585 9.05 -8.93 11.36
N PRO A 586 9.66 -8.21 12.29
CA PRO A 586 11.12 -8.22 12.41
C PRO A 586 11.64 -9.62 12.73
N ARG A 587 12.90 -9.85 12.37
CA ARG A 587 13.52 -11.15 12.59
C ARG A 587 13.66 -11.48 14.08
N ASN A 588 13.64 -10.46 14.95
CA ASN A 588 13.75 -10.72 16.38
C ASN A 588 12.51 -11.40 16.93
N GLN A 589 11.35 -11.17 16.32
CA GLN A 589 10.10 -11.74 16.79
C GLN A 589 9.69 -13.01 16.05
N ILE A 590 10.55 -13.53 15.18
CA ILE A 590 10.28 -14.73 14.41
C ILE A 590 11.21 -15.84 14.90
N ARG A 591 10.64 -16.99 15.23
CA ARG A 591 11.39 -18.18 15.60
C ARG A 591 10.96 -19.29 14.64
N ASP A 592 11.62 -19.36 13.49
CA ASP A 592 11.28 -20.30 12.45
C ASP A 592 12.07 -21.59 12.64
N THR A 593 11.36 -22.72 12.71
CA THR A 593 12.01 -24.01 12.84
C THR A 593 12.77 -24.41 11.58
N ALA A 594 12.41 -23.84 10.43
CA ALA A 594 13.14 -24.13 9.21
C ALA A 594 14.55 -23.54 9.25
N ILE A 595 14.67 -22.32 9.78
CA ILE A 595 15.98 -21.68 9.85
C ILE A 595 16.84 -22.38 10.90
N TYR A 596 16.24 -22.82 12.00
CA TYR A 596 17.00 -23.47 13.07
C TYR A 596 17.51 -24.84 12.63
N PHE A 597 16.61 -25.68 12.11
CA PHE A 597 17.00 -27.00 11.59
C PHE A 597 17.32 -26.94 10.10
N LEU A 598 18.20 -26.01 9.72
CA LEU A 598 18.60 -25.84 8.33
C LEU A 598 19.73 -26.78 7.98
N GLN A 599 19.66 -27.33 6.77
CA GLN A 599 20.65 -28.29 6.28
C GLN A 599 21.20 -27.75 4.96
N GLY A 600 22.22 -26.90 5.06
CA GLY A 600 22.75 -26.24 3.88
C GLY A 600 21.71 -25.35 3.22
N LYS A 601 21.22 -25.77 2.06
CA LYS A 601 20.15 -25.07 1.37
C LYS A 601 18.84 -25.86 1.36
N ARG A 602 18.81 -27.03 2.00
CA ARG A 602 17.64 -27.89 2.03
C ARG A 602 16.89 -27.71 3.35
N TYR A 603 15.57 -27.69 3.26
CA TYR A 603 14.72 -27.59 4.44
C TYR A 603 13.99 -28.91 4.65
N LEU A 604 13.73 -29.24 5.91
CA LEU A 604 13.09 -30.50 6.27
C LEU A 604 11.60 -30.30 6.49
N SER A 605 10.83 -31.34 6.18
CA SER A 605 9.39 -31.29 6.38
C SER A 605 9.05 -31.36 7.86
N LEU A 606 8.00 -30.66 8.27
CA LEU A 606 7.58 -30.65 9.67
C LEU A 606 7.15 -32.04 10.13
N ARG A 607 6.46 -32.78 9.25
CA ARG A 607 6.05 -34.14 9.60
C ARG A 607 7.25 -35.04 9.80
N TYR A 608 8.34 -34.83 9.05
CA TYR A 608 9.54 -35.63 9.24
C TYR A 608 10.19 -35.33 10.59
N LEU A 609 10.33 -34.06 10.93
CA LEU A 609 10.93 -33.69 12.22
C LEU A 609 10.09 -34.22 13.38
N ALA A 610 8.77 -34.29 13.21
CA ALA A 610 7.93 -34.88 14.25
C ALA A 610 8.12 -36.37 14.41
N TYR A 611 8.82 -37.02 13.47
CA TYR A 611 9.06 -38.46 13.53
C TYR A 611 10.51 -38.83 13.78
N VAL A 612 11.43 -37.87 13.76
CA VAL A 612 12.84 -38.16 14.00
C VAL A 612 13.32 -37.41 15.23
N LEU A 613 12.67 -36.28 15.54
CA LEU A 613 12.99 -35.51 16.74
C LEU A 613 11.99 -35.75 17.87
N LEU A 614 10.84 -36.34 17.57
CA LEU A 614 9.83 -36.65 18.58
C LEU A 614 9.19 -37.99 18.24
N GLY A 615 8.32 -38.45 19.13
CA GLY A 615 7.61 -39.69 18.92
C GLY A 615 6.17 -39.47 18.50
N MET A 616 5.94 -38.48 17.65
CA MET A 616 4.60 -38.09 17.21
C MET A 616 4.49 -38.40 15.72
N ASN A 617 4.02 -39.61 15.42
CA ASN A 617 3.70 -40.00 14.04
C ASN A 617 2.31 -39.48 13.72
N ILE A 618 2.25 -38.35 13.01
CA ILE A 618 0.98 -37.68 12.78
C ILE A 618 0.08 -38.49 11.86
N GLN A 619 0.67 -39.28 10.96
CA GLN A 619 -0.08 -39.99 9.91
C GLN A 619 -0.92 -38.99 9.11
N GLU A 620 -0.21 -38.08 8.44
CA GLU A 620 -0.82 -36.91 7.81
C GLU A 620 -1.82 -37.27 6.74
N GLY A 621 -3.10 -37.00 7.00
CA GLY A 621 -4.14 -37.09 5.99
C GLY A 621 -4.55 -35.71 5.54
N ASN A 622 -5.69 -35.23 6.03
CA ASN A 622 -6.07 -33.83 5.83
C ASN A 622 -5.35 -32.97 6.86
N HIS A 623 -4.63 -31.96 6.38
CA HIS A 623 -3.85 -31.10 7.26
C HIS A 623 -4.75 -30.37 8.23
N ASP A 624 -4.16 -29.94 9.35
CA ASP A 624 -4.91 -29.31 10.43
C ASP A 624 -4.02 -28.23 11.03
N SER A 625 -4.36 -26.96 10.77
CA SER A 625 -3.49 -25.86 11.15
C SER A 625 -3.35 -25.74 12.65
N ILE A 626 -4.45 -25.98 13.39
CA ILE A 626 -4.39 -25.90 14.84
C ILE A 626 -3.45 -26.95 15.41
N GLU A 627 -3.35 -28.11 14.75
CA GLU A 627 -2.39 -29.13 15.17
C GLU A 627 -1.00 -28.86 14.62
N ASP A 628 -0.90 -28.21 13.45
CA ASP A 628 0.40 -27.90 12.88
C ASP A 628 1.14 -26.88 13.73
N ALA A 629 0.43 -25.84 14.21
CA ALA A 629 1.08 -24.84 15.06
C ALA A 629 1.39 -25.41 16.44
N HIS A 630 0.65 -26.42 16.88
CA HIS A 630 0.92 -27.02 18.19
C HIS A 630 2.23 -27.81 18.17
N THR A 631 2.45 -28.61 17.11
CA THR A 631 3.69 -29.37 17.02
C THR A 631 4.89 -28.48 16.75
N ALA A 632 4.68 -27.34 16.09
CA ALA A 632 5.77 -26.41 15.86
C ALA A 632 6.20 -25.72 17.16
N LEU A 633 5.28 -25.58 18.11
CA LEU A 633 5.62 -24.96 19.38
C LEU A 633 6.52 -25.84 20.21
N ILE A 634 6.15 -27.13 20.36
CA ILE A 634 6.94 -28.03 21.18
C ILE A 634 8.26 -28.38 20.50
N LEU A 635 8.35 -28.25 19.18
CA LEU A 635 9.64 -28.42 18.51
C LEU A 635 10.61 -27.32 18.88
N TYR A 636 10.12 -26.09 19.00
CA TYR A 636 10.96 -24.99 19.49
C TYR A 636 11.37 -25.21 20.94
N LYS A 637 10.55 -25.92 21.71
CA LYS A 637 10.92 -26.23 23.08
C LYS A 637 11.99 -27.32 23.14
N LYS A 638 11.91 -28.29 22.24
CA LYS A 638 12.96 -29.31 22.17
C LYS A 638 14.28 -28.70 21.69
N TYR A 639 14.22 -27.87 20.65
CA TYR A 639 15.42 -27.18 20.17
C TYR A 639 16.05 -26.35 21.27
N LEU A 640 15.25 -25.81 22.18
CA LEU A 640 15.80 -25.09 23.33
C LEU A 640 16.47 -26.05 24.31
N HIS A 641 15.88 -27.24 24.49
CA HIS A 641 16.51 -28.24 25.35
C HIS A 641 17.83 -28.72 24.77
N LEU A 642 17.82 -29.12 23.50
CA LEU A 642 19.04 -29.56 22.81
C LEU A 642 20.05 -28.44 22.62
N LYS A 643 19.71 -27.20 22.97
CA LYS A 643 20.65 -26.07 22.90
C LYS A 643 21.23 -25.71 24.26
N GLU A 644 20.43 -25.77 25.32
CA GLU A 644 20.95 -25.53 26.66
C GLU A 644 22.06 -26.51 26.99
N LYS A 645 21.81 -27.81 26.80
CA LYS A 645 22.87 -28.79 26.83
C LYS A 645 23.54 -28.86 25.46
N ALA A 646 24.87 -28.94 25.45
CA ALA A 646 25.63 -28.77 24.23
C ALA A 646 25.51 -29.96 23.29
N ILE A 647 24.32 -30.16 22.72
CA ILE A 647 24.10 -31.22 21.74
C ILE A 647 23.52 -30.60 20.48
N PHE A 648 23.87 -29.33 20.23
CA PHE A 648 23.28 -28.59 19.11
C PHE A 648 23.62 -29.22 17.77
N GLU A 649 24.90 -29.21 17.40
CA GLU A 649 25.35 -29.79 16.13
C GLU A 649 25.83 -31.22 16.31
N LYS A 650 25.01 -32.03 16.96
CA LYS A 650 25.25 -33.47 17.10
C LYS A 650 24.05 -34.29 16.67
N VAL A 651 22.84 -33.81 16.96
CA VAL A 651 21.63 -34.46 16.45
C VAL A 651 21.23 -33.90 15.08
N LEU A 652 21.65 -32.67 14.77
CA LEU A 652 21.44 -32.14 13.43
C LEU A 652 22.20 -32.97 12.40
N ASN A 653 23.41 -33.41 12.73
CA ASN A 653 24.13 -34.32 11.85
C ASN A 653 23.53 -35.71 11.86
N SER A 654 22.74 -36.05 12.89
CA SER A 654 22.10 -37.36 12.94
C SER A 654 20.90 -37.45 12.02
N VAL A 655 20.20 -36.32 11.78
CA VAL A 655 19.03 -36.37 10.92
C VAL A 655 19.40 -36.24 9.45
N TYR A 656 20.60 -35.79 9.11
CA TYR A 656 21.05 -35.87 7.73
C TYR A 656 21.31 -37.32 7.33
N GLU A 657 22.21 -38.00 8.05
CA GLU A 657 22.66 -39.32 7.65
C GLU A 657 21.56 -40.36 7.79
N GLU A 658 20.75 -40.27 8.84
CA GLU A 658 19.63 -41.18 8.99
C GLU A 658 18.59 -40.98 7.89
N GLY A 659 18.52 -39.78 7.32
CA GLY A 659 17.61 -39.51 6.23
C GLY A 659 18.10 -39.96 4.87
N ARG A 660 19.41 -40.18 4.73
CA ARG A 660 19.94 -40.67 3.46
C ARG A 660 19.46 -42.08 3.16
N ALA A 661 19.55 -42.97 4.16
CA ALA A 661 19.06 -44.33 3.97
C ALA A 661 17.54 -44.42 4.02
N HIS A 662 16.90 -43.53 4.77
CA HIS A 662 15.45 -43.51 4.87
C HIS A 662 14.79 -42.67 3.78
N ASN A 663 15.59 -42.05 2.90
CA ASN A 663 15.08 -41.25 1.79
C ASN A 663 14.19 -40.10 2.26
N PHE A 664 14.47 -39.58 3.46
CA PHE A 664 13.73 -38.45 4.03
C PHE A 664 12.23 -38.74 4.10
N LYS A 665 11.90 -39.93 4.57
CA LYS A 665 10.50 -40.34 4.65
C LYS A 665 10.36 -41.48 5.63
N VAL A 666 9.16 -41.58 6.22
CA VAL A 666 8.82 -42.68 7.13
C VAL A 666 7.39 -43.11 6.87
N PRO A 667 7.11 -44.41 7.07
CA PRO A 667 5.75 -44.91 6.80
C PRO A 667 4.72 -44.23 7.69
N GLU A 668 3.80 -43.50 7.06
CA GLU A 668 2.75 -42.78 7.76
C GLU A 668 1.37 -43.21 7.29
#